data_5D11
#
_entry.id   5D11
#
_cell.length_a   42.120
_cell.length_b   63.430
_cell.length_c   75.350
_cell.angle_alpha   78.650
_cell.angle_beta   89.550
_cell.angle_gamma   90.290
#
_symmetry.space_group_name_H-M   'P 1'
#
loop_
_entity.id
_entity.type
_entity.pdbx_description
1 polymer 'Proto-oncogene tyrosine-protein kinase Src'
2 non-polymer GLYCEROL
3 non-polymer N-[3-({4-(4-methylpiperazin-1-yl)-6-[(5-methyl-1H-pyrazol-3-yl)amino]pyrimidin-2-yl}oxy)phenyl]prop-2-enamide
4 water water
#
_entity_poly.entity_id   1
_entity_poly.type   'polypeptide(L)'
_entity_poly.pdbx_seq_one_letter_code
;GHMQTQGLAKDAWEIPRESLRLEVKLGQGCFGEVWMGTWNGTTRVAIKTLKPGTMSPEAFLQEAQVMKKLRHEKLVQLYA
VVSEEPIYIVMEYMSKGCLLDFLKGEMGKYLRLPQLVDMAAQIASGMAYVERMNYVHRDLRAANILVGENLVCKVADFGL
ARLIEDNEYTARQGAKFPIKWTAPEAALYGRFTIKSDVWSFGILLTELTTKGRVPYPGMVNREVLDQVERGYRMPCPPEC
PESLHDLMCQCWRKDPEERPTFEYLQAFLEDYFTSTEPQYQPGENL
;
_entity_poly.pdbx_strand_id   A,B
#
# COMPACT_ATOMS: atom_id res chain seq x y z
N ASP A 11 5.52 -18.45 -41.26
CA ASP A 11 6.45 -18.55 -40.08
C ASP A 11 6.23 -19.87 -39.31
N ALA A 12 7.32 -20.43 -38.80
CA ALA A 12 7.29 -21.58 -37.88
C ALA A 12 6.73 -21.24 -36.48
N TRP A 13 6.65 -19.94 -36.16
CA TRP A 13 6.18 -19.43 -34.86
C TRP A 13 4.65 -19.37 -34.78
N GLU A 14 3.99 -19.08 -35.91
CA GLU A 14 2.54 -19.11 -36.02
C GLU A 14 2.02 -20.50 -35.62
N ILE A 15 0.99 -20.57 -34.77
CA ILE A 15 0.46 -21.86 -34.27
C ILE A 15 -1.06 -22.06 -34.49
N PRO A 16 -1.51 -23.33 -34.43
CA PRO A 16 -2.95 -23.57 -34.46
C PRO A 16 -3.67 -23.13 -33.17
N ARG A 17 -4.87 -22.59 -33.37
CA ARG A 17 -5.75 -22.15 -32.32
C ARG A 17 -6.19 -23.25 -31.36
N GLU A 18 -6.17 -24.51 -31.79
CA GLU A 18 -6.62 -25.62 -30.90
C GLU A 18 -5.53 -26.08 -29.93
N SER A 19 -4.27 -25.76 -30.26
CA SER A 19 -3.11 -26.13 -29.44
C SER A 19 -2.97 -25.33 -28.11
N LEU A 20 -3.72 -24.23 -27.99
CA LEU A 20 -3.77 -23.36 -26.80
C LEU A 20 -5.00 -23.62 -25.93
N ARG A 21 -4.78 -24.12 -24.72
CA ARG A 21 -5.84 -24.16 -23.68
C ARG A 21 -5.68 -22.97 -22.70
N LEU A 22 -6.66 -22.06 -22.70
CA LEU A 22 -6.68 -20.87 -21.83
C LEU A 22 -7.35 -21.23 -20.51
N GLU A 23 -6.53 -21.56 -19.50
CA GLU A 23 -6.99 -22.16 -18.24
C GLU A 23 -7.42 -21.19 -17.11
N VAL A 24 -6.62 -20.14 -16.88
CA VAL A 24 -6.82 -19.20 -15.76
C VAL A 24 -6.62 -17.77 -16.26
N LYS A 25 -7.64 -16.92 -16.10
CA LYS A 25 -7.57 -15.50 -16.42
C LYS A 25 -6.81 -14.77 -15.30
N LEU A 26 -5.75 -14.06 -15.68
CA LEU A 26 -4.82 -13.49 -14.68
C LEU A 26 -5.09 -12.06 -14.46
N GLY A 27 -5.24 -11.33 -15.54
CA GLY A 27 -5.60 -9.95 -15.45
C GLY A 27 -6.30 -9.48 -16.68
N GLN A 28 -6.79 -8.26 -16.57
CA GLN A 28 -7.43 -7.61 -17.67
C GLN A 28 -7.08 -6.16 -17.63
N GLY A 29 -6.51 -5.68 -18.74
CA GLY A 29 -6.10 -4.32 -18.88
C GLY A 29 -6.97 -3.69 -19.94
N CYS A 30 -6.51 -2.52 -20.39
CA CYS A 30 -7.16 -1.73 -21.44
C CYS A 30 -7.12 -2.52 -22.76
N PHE A 31 -5.94 -3.03 -23.11
CA PHE A 31 -5.70 -3.67 -24.42
C PHE A 31 -6.11 -5.15 -24.59
N GLY A 32 -6.50 -5.84 -23.51
CA GLY A 32 -6.86 -7.25 -23.59
C GLY A 32 -6.71 -7.96 -22.28
N GLU A 33 -6.50 -9.26 -22.32
CA GLU A 33 -6.38 -10.08 -21.11
C GLU A 33 -5.03 -10.82 -21.07
N VAL A 34 -4.74 -11.46 -19.95
CA VAL A 34 -3.57 -12.28 -19.79
C VAL A 34 -3.99 -13.55 -19.09
N TRP A 35 -3.49 -14.68 -19.56
CA TRP A 35 -3.90 -15.98 -19.06
C TRP A 35 -2.76 -16.93 -18.81
N MET A 36 -2.82 -17.73 -17.76
CA MET A 36 -1.97 -18.93 -17.68
C MET A 36 -2.65 -20.00 -18.52
N GLY A 37 -1.86 -20.76 -19.26
CA GLY A 37 -2.40 -21.78 -20.14
C GLY A 37 -1.48 -22.95 -20.41
N THR A 38 -1.87 -23.72 -21.42
CA THR A 38 -1.08 -24.83 -21.96
C THR A 38 -0.95 -24.63 -23.45
N TRP A 39 0.13 -25.19 -24.00
CA TRP A 39 0.42 -25.16 -25.42
C TRP A 39 0.89 -26.56 -25.83
N ASN A 40 0.22 -27.12 -26.84
CA ASN A 40 0.37 -28.53 -27.29
C ASN A 40 0.15 -29.52 -26.15
N GLY A 41 -0.78 -29.20 -25.25
CA GLY A 41 -1.07 -30.06 -24.09
C GLY A 41 0.04 -30.27 -23.06
N THR A 42 1.28 -29.86 -23.36
CA THR A 42 2.47 -30.16 -22.54
C THR A 42 3.12 -28.92 -21.87
N THR A 43 3.24 -27.84 -22.64
CA THR A 43 4.02 -26.66 -22.27
C THR A 43 3.18 -25.63 -21.51
N ARG A 44 3.58 -25.31 -20.29
CA ARG A 44 3.02 -24.14 -19.58
C ARG A 44 3.39 -22.84 -20.31
N VAL A 45 2.45 -21.91 -20.37
CA VAL A 45 2.59 -20.65 -21.11
C VAL A 45 1.71 -19.56 -20.50
N ALA A 46 2.01 -18.32 -20.88
CA ALA A 46 1.24 -17.13 -20.56
C ALA A 46 0.72 -16.73 -21.90
N ILE A 47 -0.53 -16.30 -21.95
CA ILE A 47 -1.16 -15.95 -23.19
C ILE A 47 -1.78 -14.58 -23.05
N LYS A 48 -1.44 -13.68 -23.95
CA LYS A 48 -1.96 -12.32 -23.94
C LYS A 48 -2.83 -12.26 -25.11
N THR A 49 -3.90 -11.50 -24.93
CA THR A 49 -5.01 -11.47 -25.81
C THR A 49 -5.13 -10.00 -26.20
N LEU A 50 -5.20 -9.74 -27.49
CA LEU A 50 -5.46 -8.39 -27.99
C LEU A 50 -6.95 -8.35 -28.35
N LYS A 51 -7.66 -7.39 -27.77
CA LYS A 51 -9.06 -7.15 -28.15
C LYS A 51 -9.07 -6.72 -29.64
N PRO A 52 -10.00 -7.29 -30.47
CA PRO A 52 -10.06 -6.87 -31.87
C PRO A 52 -10.58 -5.43 -31.99
N GLY A 53 -9.86 -4.60 -32.75
CA GLY A 53 -10.11 -3.16 -32.81
C GLY A 53 -9.01 -2.31 -32.15
N THR A 54 -8.29 -2.88 -31.19
CA THR A 54 -7.27 -2.13 -30.43
C THR A 54 -6.05 -1.74 -31.32
N MET A 55 -5.56 -2.67 -32.16
CA MET A 55 -4.39 -2.43 -33.02
C MET A 55 -4.13 -3.57 -34.01
N SER A 56 -3.40 -3.25 -35.07
CA SER A 56 -2.96 -4.19 -36.13
C SER A 56 -2.41 -3.39 -37.32
N GLU A 63 5.90 -5.11 -31.74
CA GLU A 63 6.09 -6.00 -32.90
C GLU A 63 6.74 -7.31 -32.45
N ALA A 64 6.25 -8.43 -32.99
CA ALA A 64 6.66 -9.77 -32.52
C ALA A 64 7.82 -10.39 -33.32
N GLN A 65 8.11 -9.82 -34.50
CA GLN A 65 9.35 -10.12 -35.23
C GLN A 65 10.56 -9.64 -34.41
N VAL A 66 10.50 -8.39 -33.94
CA VAL A 66 11.46 -7.85 -32.96
C VAL A 66 11.64 -8.86 -31.82
N MET A 67 10.54 -9.16 -31.12
CA MET A 67 10.50 -10.04 -29.95
C MET A 67 10.97 -11.48 -30.18
N LYS A 68 10.74 -12.00 -31.39
CA LYS A 68 11.37 -13.24 -31.86
C LYS A 68 12.90 -13.09 -31.84
N LYS A 69 13.37 -12.01 -32.47
CA LYS A 69 14.81 -11.61 -32.52
C LYS A 69 15.25 -10.67 -31.39
N LEU A 70 14.76 -10.93 -30.16
CA LEU A 70 15.31 -10.46 -28.87
C LEU A 70 15.28 -11.66 -27.98
N ARG A 71 16.41 -12.35 -27.92
CA ARG A 71 16.53 -13.52 -27.08
C ARG A 71 17.61 -13.27 -25.99
N HIS A 72 17.19 -13.47 -24.74
CA HIS A 72 18.06 -13.38 -23.59
C HIS A 72 17.40 -14.08 -22.42
N GLU A 73 18.16 -14.83 -21.67
CA GLU A 73 17.75 -15.53 -20.41
C GLU A 73 16.90 -14.66 -19.38
N LYS A 74 17.09 -13.34 -19.42
CA LYS A 74 16.43 -12.39 -18.49
C LYS A 74 15.41 -11.46 -19.16
N LEU A 75 14.96 -11.85 -20.35
CA LEU A 75 13.88 -11.24 -21.06
C LEU A 75 12.90 -12.34 -21.23
N VAL A 76 11.63 -12.03 -20.91
CA VAL A 76 10.54 -13.00 -21.09
C VAL A 76 10.51 -13.42 -22.56
N GLN A 77 10.71 -14.69 -22.86
CA GLN A 77 10.73 -15.13 -24.27
C GLN A 77 9.33 -15.26 -24.95
N LEU A 78 9.18 -14.64 -26.11
CA LEU A 78 8.11 -14.99 -27.06
C LEU A 78 8.27 -16.41 -27.61
N TYR A 79 7.25 -17.26 -27.42
CA TYR A 79 7.23 -18.68 -27.86
C TYR A 79 6.50 -18.93 -29.21
N ALA A 80 5.35 -18.27 -29.38
CA ALA A 80 4.45 -18.50 -30.54
C ALA A 80 3.39 -17.40 -30.61
N VAL A 81 2.72 -17.33 -31.75
CA VAL A 81 1.68 -16.31 -32.00
C VAL A 81 0.48 -16.86 -32.81
N VAL A 82 -0.55 -16.01 -32.91
CA VAL A 82 -1.71 -16.18 -33.79
C VAL A 82 -2.00 -14.80 -34.40
N SER A 83 -1.52 -14.56 -35.62
CA SER A 83 -1.42 -13.21 -36.22
C SER A 83 -2.67 -12.59 -36.86
N GLU A 84 -3.68 -13.41 -37.20
CA GLU A 84 -4.99 -12.92 -37.68
C GLU A 84 -5.97 -12.78 -36.50
N GLU A 85 -6.75 -11.71 -36.52
CA GLU A 85 -7.62 -11.37 -35.39
C GLU A 85 -8.68 -12.44 -35.11
N PRO A 86 -8.96 -12.76 -33.84
CA PRO A 86 -8.34 -12.13 -32.66
C PRO A 86 -6.94 -12.66 -32.34
N ILE A 87 -6.01 -11.74 -32.03
CA ILE A 87 -4.58 -12.08 -31.82
C ILE A 87 -4.33 -12.72 -30.45
N TYR A 88 -3.57 -13.79 -30.44
CA TYR A 88 -3.08 -14.40 -29.23
C TYR A 88 -1.54 -14.41 -29.30
N ILE A 89 -0.90 -14.07 -28.17
CA ILE A 89 0.56 -14.02 -28.02
C ILE A 89 0.93 -15.01 -26.94
N VAL A 90 1.88 -15.88 -27.23
CA VAL A 90 2.20 -16.96 -26.34
C VAL A 90 3.61 -16.69 -25.84
N MET A 91 3.82 -16.84 -24.54
CA MET A 91 5.03 -16.37 -23.93
C MET A 91 5.48 -17.28 -22.84
N GLU A 92 6.76 -17.13 -22.54
CA GLU A 92 7.30 -17.74 -21.36
C GLU A 92 6.45 -17.34 -20.13
N TYR A 93 6.27 -18.30 -19.23
CA TYR A 93 5.41 -18.15 -18.08
C TYR A 93 6.27 -17.92 -16.83
N MET A 94 5.99 -16.80 -16.17
CA MET A 94 6.67 -16.34 -14.96
C MET A 94 5.64 -16.51 -13.88
N SER A 95 5.91 -17.50 -13.03
CA SER A 95 4.91 -18.04 -12.14
C SER A 95 4.45 -17.08 -11.06
N LYS A 96 5.35 -16.19 -10.59
CA LYS A 96 5.11 -15.37 -9.38
C LYS A 96 4.52 -14.04 -9.70
N GLY A 97 4.40 -13.71 -10.99
CA GLY A 97 3.84 -12.43 -11.40
C GLY A 97 4.77 -11.22 -11.18
N CYS A 98 4.14 -10.06 -11.14
CA CYS A 98 4.68 -8.73 -10.90
C CYS A 98 5.74 -8.66 -9.81
N LEU A 99 6.87 -8.04 -10.09
CA LEU A 99 7.89 -7.78 -9.05
C LEU A 99 7.37 -6.86 -7.97
N LEU A 100 6.57 -5.86 -8.32
CA LEU A 100 6.01 -4.97 -7.34
C LEU A 100 5.12 -5.71 -6.33
N ASP A 101 4.12 -6.46 -6.78
CA ASP A 101 3.28 -7.29 -5.91
C ASP A 101 4.06 -8.34 -5.08
N PHE A 102 5.12 -8.86 -5.65
CA PHE A 102 5.93 -9.84 -4.98
C PHE A 102 6.63 -9.19 -3.84
N LEU A 103 7.17 -7.96 -4.08
CA LEU A 103 7.81 -7.16 -3.01
C LEU A 103 6.89 -6.72 -1.89
N LYS A 104 5.63 -6.43 -2.19
CA LYS A 104 4.69 -5.84 -1.16
C LYS A 104 4.11 -6.97 -0.30
N GLY A 105 3.73 -8.06 -0.95
CA GLY A 105 3.08 -9.19 -0.31
C GLY A 105 3.90 -10.09 0.55
N GLU A 106 3.32 -11.24 0.90
CA GLU A 106 3.93 -12.24 1.79
C GLU A 106 5.41 -12.58 1.49
N MET A 107 5.89 -12.46 0.25
CA MET A 107 7.35 -12.62 -0.01
C MET A 107 8.29 -11.44 0.34
N GLY A 108 7.77 -10.23 0.31
CA GLY A 108 8.53 -9.07 0.80
C GLY A 108 9.22 -9.28 2.13
N LYS A 109 8.49 -9.91 3.03
CA LYS A 109 8.83 -10.04 4.44
C LYS A 109 10.17 -10.69 4.65
N TYR A 110 10.47 -11.69 3.85
CA TYR A 110 11.71 -12.48 4.02
C TYR A 110 12.91 -12.06 3.11
N LEU A 111 12.68 -11.25 2.07
CA LEU A 111 13.75 -10.82 1.19
C LEU A 111 14.66 -9.90 1.94
N ARG A 112 15.96 -10.18 1.86
CA ARG A 112 16.97 -9.37 2.49
C ARG A 112 17.86 -8.84 1.38
N LEU A 113 18.85 -8.05 1.79
CA LEU A 113 19.69 -7.40 0.84
C LEU A 113 20.39 -8.31 -0.17
N PRO A 114 20.91 -9.53 0.23
CA PRO A 114 21.44 -10.39 -0.77
C PRO A 114 20.51 -10.90 -1.76
N GLN A 115 19.28 -11.22 -1.41
CA GLN A 115 18.32 -11.64 -2.47
C GLN A 115 17.98 -10.46 -3.40
N LEU A 116 17.90 -9.22 -2.87
CA LEU A 116 17.33 -8.07 -3.63
C LEU A 116 18.35 -7.53 -4.62
N VAL A 117 19.60 -7.51 -4.17
CA VAL A 117 20.71 -7.15 -4.98
C VAL A 117 20.96 -8.18 -6.06
N ASP A 118 20.73 -9.43 -5.79
CA ASP A 118 20.82 -10.44 -6.86
C ASP A 118 19.72 -10.28 -7.89
N MET A 119 18.55 -9.94 -7.40
CA MET A 119 17.46 -9.60 -8.29
C MET A 119 17.75 -8.41 -9.19
N ALA A 120 18.34 -7.39 -8.63
CA ALA A 120 18.72 -6.21 -9.34
C ALA A 120 19.78 -6.52 -10.44
N ALA A 121 20.75 -7.37 -10.10
CA ALA A 121 21.75 -7.90 -11.02
C ALA A 121 21.15 -8.61 -12.24
N GLN A 122 19.98 -9.27 -12.08
CA GLN A 122 19.30 -9.98 -13.18
C GLN A 122 18.69 -9.07 -14.10
N ILE A 123 18.08 -8.04 -13.54
CA ILE A 123 17.33 -7.08 -14.33
C ILE A 123 18.37 -6.19 -15.05
N ALA A 124 19.49 -5.87 -14.38
CA ALA A 124 20.62 -5.21 -15.02
C ALA A 124 21.09 -5.96 -16.20
N SER A 125 21.26 -7.28 -16.05
CA SER A 125 21.73 -8.14 -17.09
C SER A 125 20.75 -8.21 -18.29
N GLY A 126 19.44 -8.30 -18.02
CA GLY A 126 18.48 -8.15 -19.10
C GLY A 126 18.60 -6.77 -19.72
N MET A 127 18.77 -5.74 -18.89
CA MET A 127 18.88 -4.40 -19.51
C MET A 127 20.21 -4.14 -20.25
N ALA A 128 21.25 -4.88 -19.90
CA ALA A 128 22.53 -4.81 -20.57
C ALA A 128 22.39 -5.39 -21.94
N TYR A 129 21.60 -6.44 -22.08
CA TYR A 129 21.39 -7.01 -23.41
C TYR A 129 20.60 -6.03 -24.29
N VAL A 130 19.58 -5.40 -23.72
CA VAL A 130 18.78 -4.36 -24.41
C VAL A 130 19.67 -3.20 -24.85
N GLU A 131 20.66 -2.91 -24.01
CA GLU A 131 21.65 -1.90 -24.30
C GLU A 131 22.55 -2.27 -25.47
N ARG A 132 22.99 -3.52 -25.52
CA ARG A 132 23.89 -4.02 -26.58
C ARG A 132 23.15 -3.97 -27.91
N MET A 133 21.89 -4.37 -27.86
CA MET A 133 20.99 -4.38 -29.01
C MET A 133 20.46 -3.02 -29.45
N ASN A 134 20.85 -1.94 -28.79
CA ASN A 134 20.48 -0.57 -29.18
C ASN A 134 18.98 -0.27 -29.07
N TYR A 135 18.31 -1.03 -28.21
CA TYR A 135 16.93 -0.78 -27.88
C TYR A 135 16.78 0.11 -26.63
N VAL A 136 15.55 0.58 -26.42
CA VAL A 136 15.15 1.42 -25.31
C VAL A 136 13.87 0.82 -24.70
N HIS A 137 13.79 0.77 -23.37
CA HIS A 137 12.65 0.11 -22.71
C HIS A 137 11.56 1.15 -22.54
N ARG A 138 11.89 2.31 -21.94
CA ARG A 138 10.94 3.46 -21.72
C ARG A 138 10.02 3.40 -20.49
N ASP A 139 9.93 2.26 -19.83
CA ASP A 139 9.08 2.08 -18.65
C ASP A 139 9.67 1.06 -17.72
N LEU A 140 10.97 1.19 -17.44
CA LEU A 140 11.59 0.24 -16.55
C LEU A 140 11.10 0.58 -15.14
N ARG A 141 10.55 -0.41 -14.44
CA ARG A 141 10.05 -0.31 -13.08
C ARG A 141 9.56 -1.65 -12.58
N ALA A 142 9.43 -1.78 -11.28
CA ALA A 142 9.10 -3.06 -10.65
C ALA A 142 7.76 -3.63 -11.16
N ALA A 143 6.79 -2.75 -11.47
CA ALA A 143 5.52 -3.21 -12.09
C ALA A 143 5.69 -3.99 -13.42
N ASN A 144 6.73 -3.69 -14.15
CA ASN A 144 7.04 -4.30 -15.48
C ASN A 144 8.15 -5.33 -15.41
N ILE A 145 8.47 -5.86 -14.23
CA ILE A 145 9.35 -7.00 -14.10
C ILE A 145 8.56 -8.22 -13.57
N LEU A 146 8.80 -9.36 -14.18
CA LEU A 146 8.18 -10.61 -13.79
C LEU A 146 9.12 -11.51 -13.04
N VAL A 147 8.57 -12.23 -12.06
CA VAL A 147 9.32 -13.10 -11.18
C VAL A 147 8.82 -14.50 -11.45
N GLY A 148 9.74 -15.45 -11.34
CA GLY A 148 9.53 -16.89 -11.56
C GLY A 148 9.98 -17.58 -10.31
N GLU A 149 10.15 -18.89 -10.31
CA GLU A 149 10.69 -19.67 -9.17
CA GLU A 149 10.66 -19.49 -9.05
C GLU A 149 12.19 -19.34 -8.93
N ASN A 150 12.64 -19.46 -7.71
CA ASN A 150 13.98 -19.25 -7.27
C ASN A 150 14.44 -17.80 -7.58
N LEU A 151 13.55 -16.86 -7.31
CA LEU A 151 13.77 -15.46 -7.43
C LEU A 151 14.33 -15.00 -8.77
N VAL A 152 14.00 -15.71 -9.85
CA VAL A 152 14.40 -15.34 -11.20
C VAL A 152 13.55 -14.19 -11.57
N CYS A 153 14.15 -13.15 -12.15
CA CYS A 153 13.46 -11.91 -12.58
C CYS A 153 13.83 -11.60 -14.01
N LYS A 154 12.85 -11.17 -14.80
CA LYS A 154 13.02 -10.88 -16.16
C LYS A 154 12.28 -9.63 -16.55
N VAL A 155 12.90 -8.92 -17.46
CA VAL A 155 12.35 -7.75 -18.04
C VAL A 155 11.20 -8.22 -18.96
N ALA A 156 10.10 -7.52 -18.87
CA ALA A 156 8.94 -7.75 -19.73
C ALA A 156 8.39 -6.40 -20.14
N ASP A 157 7.37 -6.45 -20.98
CA ASP A 157 6.56 -5.27 -21.37
C ASP A 157 7.39 -4.23 -22.14
N PHE A 158 8.03 -4.70 -23.22
CA PHE A 158 8.75 -3.81 -24.11
C PHE A 158 7.85 -3.04 -25.04
N GLY A 159 6.84 -3.71 -25.58
CA GLY A 159 5.78 -3.06 -26.40
C GLY A 159 4.55 -2.69 -25.55
N LEU A 160 4.77 -1.82 -24.56
CA LEU A 160 3.74 -1.35 -23.61
C LEU A 160 2.96 -2.47 -22.90
N PHE A 177 0.58 8.74 -16.11
CA PHE A 177 1.98 8.72 -16.49
C PHE A 177 2.93 8.28 -15.30
N PRO A 178 4.00 7.49 -15.62
CA PRO A 178 4.92 6.97 -14.59
C PRO A 178 6.10 7.92 -14.47
N ILE A 179 5.79 9.21 -14.26
CA ILE A 179 6.78 10.28 -14.23
C ILE A 179 7.75 10.12 -13.04
N LYS A 180 7.30 9.50 -11.97
CA LYS A 180 8.20 9.19 -10.86
C LYS A 180 9.37 8.28 -11.25
N TRP A 181 9.25 7.47 -12.29
CA TRP A 181 10.31 6.57 -12.72
C TRP A 181 11.10 7.03 -13.97
N THR A 182 10.79 8.24 -14.47
CA THR A 182 11.12 8.66 -15.82
C THR A 182 12.13 9.78 -15.63
N ALA A 183 13.30 9.70 -16.24
CA ALA A 183 14.29 10.78 -16.16
C ALA A 183 13.73 12.13 -16.65
N PRO A 184 14.15 13.25 -16.05
CA PRO A 184 13.75 14.61 -16.41
C PRO A 184 13.78 14.92 -17.92
N GLU A 185 14.89 14.66 -18.59
CA GLU A 185 14.96 14.82 -20.05
C GLU A 185 13.84 14.11 -20.79
N ALA A 186 13.50 12.92 -20.31
CA ALA A 186 12.51 12.10 -20.99
C ALA A 186 11.12 12.60 -20.68
N ALA A 187 10.82 12.91 -19.41
CA ALA A 187 9.49 13.36 -19.04
C ALA A 187 9.24 14.76 -19.66
N LEU A 188 10.27 15.60 -19.66
CA LEU A 188 10.14 16.99 -20.11
C LEU A 188 10.24 17.18 -21.62
N TYR A 189 11.31 16.70 -22.18
CA TYR A 189 11.63 16.93 -23.58
C TYR A 189 11.63 15.64 -24.41
N GLY A 190 10.82 14.64 -24.02
CA GLY A 190 10.66 13.35 -24.77
C GLY A 190 11.95 12.67 -25.24
N ARG A 191 13.07 12.94 -24.55
CA ARG A 191 14.35 12.37 -24.89
C ARG A 191 14.57 11.00 -24.16
N PHE A 192 14.00 9.96 -24.75
CA PHE A 192 14.12 8.60 -24.25
C PHE A 192 15.31 7.86 -24.86
N THR A 193 16.28 7.53 -23.99
CA THR A 193 17.44 6.73 -24.35
C THR A 193 17.66 5.58 -23.37
N ILE A 194 18.65 4.73 -23.67
CA ILE A 194 19.13 3.79 -22.70
C ILE A 194 19.56 4.51 -21.37
N LYS A 195 19.98 5.78 -21.43
CA LYS A 195 20.35 6.52 -20.21
C LYS A 195 19.15 7.01 -19.38
N SER A 196 18.00 7.18 -20.03
CA SER A 196 16.78 7.41 -19.31
C SER A 196 16.30 6.08 -18.61
N ASP A 197 16.51 4.94 -19.25
CA ASP A 197 16.27 3.64 -18.61
C ASP A 197 17.13 3.39 -17.33
N VAL A 198 18.41 3.74 -17.39
CA VAL A 198 19.36 3.76 -16.25
C VAL A 198 18.82 4.58 -15.13
N TRP A 199 18.24 5.72 -15.43
CA TRP A 199 17.64 6.55 -14.42
C TRP A 199 16.52 5.74 -13.77
N SER A 200 15.68 5.07 -14.57
CA SER A 200 14.54 4.32 -14.04
C SER A 200 15.04 3.13 -13.16
N PHE A 201 16.19 2.62 -13.53
CA PHE A 201 16.80 1.53 -12.81
C PHE A 201 17.20 2.03 -11.39
N GLY A 202 17.78 3.21 -11.27
CA GLY A 202 18.01 3.80 -9.93
C GLY A 202 16.74 3.87 -9.06
N ILE A 203 15.63 4.20 -9.72
CA ILE A 203 14.32 4.28 -9.06
C ILE A 203 13.82 2.90 -8.64
N LEU A 204 13.98 1.95 -9.55
CA LEU A 204 13.74 0.53 -9.24
C LEU A 204 14.57 0.00 -8.06
N LEU A 205 15.81 0.39 -7.96
CA LEU A 205 16.62 0.07 -6.82
C LEU A 205 16.01 0.54 -5.53
N THR A 206 15.34 1.66 -5.50
CA THR A 206 14.68 2.13 -4.26
C THR A 206 13.46 1.28 -3.95
N GLU A 207 12.71 0.82 -4.99
CA GLU A 207 11.54 -0.05 -4.88
C GLU A 207 11.95 -1.38 -4.22
N LEU A 208 13.09 -1.92 -4.66
CA LEU A 208 13.63 -3.14 -4.10
C LEU A 208 14.05 -2.97 -2.65
N THR A 209 14.73 -1.88 -2.38
CA THR A 209 15.24 -1.68 -1.04
C THR A 209 14.14 -1.22 -0.03
N THR A 210 12.94 -0.83 -0.49
CA THR A 210 11.82 -0.40 0.40
C THR A 210 10.64 -1.34 0.32
N LYS A 211 10.88 -2.52 -0.24
CA LYS A 211 9.84 -3.53 -0.40
C LYS A 211 8.67 -3.05 -1.27
N GLY A 212 8.97 -2.31 -2.29
CA GLY A 212 7.97 -1.86 -3.20
C GLY A 212 7.25 -0.55 -2.96
N ARG A 213 7.67 0.25 -1.99
CA ARG A 213 7.01 1.59 -1.84
C ARG A 213 7.12 2.46 -3.06
N VAL A 214 6.14 3.36 -3.17
CA VAL A 214 6.13 4.38 -4.25
C VAL A 214 7.28 5.27 -3.97
N PRO A 215 8.07 5.61 -5.00
CA PRO A 215 9.14 6.60 -4.76
C PRO A 215 8.64 8.03 -4.44
N TYR A 216 9.50 8.83 -3.82
CA TYR A 216 9.16 10.17 -3.40
C TYR A 216 7.93 10.20 -2.50
N PRO A 217 7.96 9.45 -1.39
CA PRO A 217 6.72 9.33 -0.62
C PRO A 217 6.20 10.71 -0.25
N GLY A 218 4.89 10.88 -0.38
CA GLY A 218 4.22 12.09 0.05
C GLY A 218 4.26 13.19 -1.00
N MET A 219 4.95 12.96 -2.13
CA MET A 219 5.11 13.92 -3.19
C MET A 219 4.18 13.53 -4.34
N VAL A 220 3.56 14.53 -4.93
CA VAL A 220 2.78 14.32 -6.13
C VAL A 220 3.68 14.60 -7.33
N ASN A 221 3.23 14.19 -8.50
CA ASN A 221 3.99 14.31 -9.73
C ASN A 221 4.63 15.66 -9.96
N ARG A 222 3.90 16.77 -9.87
CA ARG A 222 4.48 18.14 -10.05
C ARG A 222 5.47 18.54 -8.96
N GLU A 223 5.17 18.20 -7.70
CA GLU A 223 6.15 18.34 -6.59
C GLU A 223 7.50 17.66 -7.04
N VAL A 224 7.41 16.44 -7.62
CA VAL A 224 8.61 15.65 -8.06
C VAL A 224 9.36 16.26 -9.22
N LEU A 225 8.60 16.62 -10.25
CA LEU A 225 9.10 17.36 -11.40
C LEU A 225 9.88 18.57 -10.93
N ASP A 226 9.23 19.40 -10.12
CA ASP A 226 9.84 20.64 -9.64
C ASP A 226 11.09 20.38 -8.79
N GLN A 227 11.06 19.34 -7.96
CA GLN A 227 12.14 19.10 -7.00
C GLN A 227 13.37 18.50 -7.63
N VAL A 228 13.19 17.51 -8.53
CA VAL A 228 14.37 16.86 -9.11
C VAL A 228 15.11 17.79 -10.08
N GLU A 229 14.38 18.72 -10.68
CA GLU A 229 15.00 19.81 -11.48
C GLU A 229 15.93 20.68 -10.67
N ARG A 230 15.47 21.10 -9.50
CA ARG A 230 16.28 21.78 -8.47
C ARG A 230 17.35 20.91 -7.67
N GLY A 231 17.62 19.67 -8.09
CA GLY A 231 18.71 18.86 -7.49
C GLY A 231 18.33 17.85 -6.41
N TYR A 232 17.08 17.85 -6.00
CA TYR A 232 16.56 16.89 -5.06
C TYR A 232 16.64 15.43 -5.62
N ARG A 233 16.98 14.52 -4.72
CA ARG A 233 17.11 13.09 -4.99
C ARG A 233 16.62 12.39 -3.74
N MET A 234 15.98 11.24 -3.89
CA MET A 234 15.71 10.37 -2.73
C MET A 234 16.94 10.11 -1.88
N PRO A 235 16.77 10.18 -0.56
CA PRO A 235 17.86 9.85 0.36
C PRO A 235 18.02 8.33 0.58
N CYS A 236 19.04 7.94 1.34
CA CYS A 236 19.33 6.51 1.57
C CYS A 236 18.09 5.96 2.25
N PRO A 237 17.43 4.98 1.64
CA PRO A 237 16.39 4.30 2.41
C PRO A 237 16.94 3.60 3.71
N PRO A 238 16.08 3.41 4.75
CA PRO A 238 16.47 2.75 6.01
C PRO A 238 17.10 1.35 5.80
N GLU A 239 18.27 1.16 6.39
CA GLU A 239 19.09 -0.09 6.34
C GLU A 239 19.81 -0.38 5.02
N CYS A 240 19.64 0.49 4.04
CA CYS A 240 20.24 0.30 2.75
C CYS A 240 21.66 0.82 2.82
N PRO A 241 22.65 0.00 2.44
CA PRO A 241 24.01 0.56 2.53
C PRO A 241 24.18 1.83 1.69
N GLU A 242 25.09 2.65 2.15
CA GLU A 242 25.42 3.91 1.44
CA GLU A 242 25.42 3.91 1.49
C GLU A 242 26.09 3.65 0.12
N SER A 243 26.92 2.62 0.03
CA SER A 243 27.47 2.23 -1.26
C SER A 243 26.37 2.01 -2.27
N LEU A 244 25.18 1.52 -1.87
CA LEU A 244 24.09 1.27 -2.87
C LEU A 244 23.34 2.53 -3.32
N HIS A 245 23.06 3.39 -2.36
CA HIS A 245 22.52 4.68 -2.59
C HIS A 245 23.38 5.52 -3.52
N ASP A 246 24.68 5.54 -3.25
CA ASP A 246 25.70 6.02 -4.17
CA ASP A 246 25.65 6.08 -4.17
C ASP A 246 25.45 5.55 -5.62
N LEU A 247 25.20 4.24 -5.79
CA LEU A 247 24.90 3.72 -7.14
C LEU A 247 23.60 4.31 -7.64
N MET A 248 22.55 4.33 -6.83
CA MET A 248 21.32 4.94 -7.20
C MET A 248 21.56 6.41 -7.71
N CYS A 249 22.21 7.25 -6.88
CA CYS A 249 22.67 8.65 -7.23
C CYS A 249 23.53 8.81 -8.51
N GLN A 250 24.32 7.79 -8.88
CA GLN A 250 24.98 7.82 -10.19
C GLN A 250 23.97 7.66 -11.31
N CYS A 251 22.94 6.84 -11.05
CA CYS A 251 21.85 6.63 -11.98
C CYS A 251 21.00 7.85 -12.16
N TRP A 252 20.92 8.70 -11.14
CA TRP A 252 20.18 9.94 -11.21
C TRP A 252 20.97 11.24 -11.47
N ARG A 253 22.11 11.13 -12.10
CA ARG A 253 22.84 12.32 -12.55
C ARG A 253 22.06 13.12 -13.57
N LYS A 254 22.13 14.44 -13.44
CA LYS A 254 21.48 15.41 -14.35
C LYS A 254 21.84 15.14 -15.81
N ASP A 255 23.10 14.87 -16.07
CA ASP A 255 23.57 14.67 -17.41
C ASP A 255 23.46 13.18 -17.83
N PRO A 256 22.53 12.90 -18.74
CA PRO A 256 22.31 11.50 -19.12
C PRO A 256 23.60 10.65 -19.32
N GLU A 257 24.61 11.23 -19.96
CA GLU A 257 25.84 10.53 -20.37
C GLU A 257 26.81 10.35 -19.19
N GLU A 258 26.65 11.11 -18.13
CA GLU A 258 27.42 10.78 -16.92
C GLU A 258 26.94 9.49 -16.16
N ARG A 259 25.74 9.01 -16.47
CA ARG A 259 25.16 7.82 -15.79
C ARG A 259 25.84 6.59 -16.31
N PRO A 260 25.91 5.51 -15.47
CA PRO A 260 26.65 4.33 -15.89
C PRO A 260 25.87 3.53 -16.88
N THR A 261 26.56 2.64 -17.56
CA THR A 261 25.91 1.67 -18.36
C THR A 261 25.34 0.53 -17.50
N PHE A 262 24.53 -0.25 -18.15
CA PHE A 262 23.98 -1.45 -17.62
C PHE A 262 24.98 -2.59 -17.50
N GLU A 263 25.99 -2.58 -18.37
CA GLU A 263 27.15 -3.44 -18.25
C GLU A 263 27.90 -3.09 -16.94
N TYR A 264 28.13 -1.83 -16.68
CA TYR A 264 28.68 -1.45 -15.36
C TYR A 264 27.75 -1.85 -14.17
N LEU A 265 26.45 -1.52 -14.29
CA LEU A 265 25.49 -1.79 -13.20
C LEU A 265 25.41 -3.27 -12.87
N GLN A 266 25.37 -4.10 -13.90
CA GLN A 266 25.30 -5.51 -13.72
C GLN A 266 26.49 -6.05 -12.94
N ALA A 267 27.70 -5.67 -13.35
CA ALA A 267 28.98 -6.13 -12.82
C ALA A 267 29.16 -5.72 -11.39
N PHE A 268 28.78 -4.48 -11.08
CA PHE A 268 28.85 -3.95 -9.72
C PHE A 268 27.90 -4.69 -8.73
N LEU A 269 26.72 -5.07 -9.20
CA LEU A 269 25.73 -5.76 -8.40
C LEU A 269 26.04 -7.22 -8.22
N GLU A 270 26.56 -7.84 -9.28
CA GLU A 270 27.04 -9.20 -9.21
C GLU A 270 28.13 -9.36 -8.18
N ASP A 271 29.10 -8.47 -8.18
CA ASP A 271 30.26 -8.55 -7.26
C ASP A 271 30.04 -7.84 -5.91
N TYR A 272 28.83 -7.45 -5.65
CA TYR A 272 28.57 -6.51 -4.55
C TYR A 272 29.12 -6.87 -3.24
N PHE A 273 28.81 -8.09 -2.79
CA PHE A 273 29.12 -8.51 -1.42
C PHE A 273 30.58 -9.00 -1.21
N THR A 274 31.37 -9.04 -2.27
CA THR A 274 32.87 -9.19 -2.15
C THR A 274 33.65 -7.88 -2.30
N SER A 275 33.33 -7.14 -3.35
CA SER A 275 34.10 -5.98 -3.76
C SER A 275 33.71 -4.69 -3.07
N THR A 276 32.44 -4.56 -2.66
CA THR A 276 31.84 -3.31 -2.19
C THR A 276 31.42 -3.49 -0.73
N GLU A 277 30.77 -4.59 -0.37
CA GLU A 277 30.20 -4.68 1.02
C GLU A 277 30.53 -6.04 1.67
N PRO A 278 31.84 -6.35 1.79
CA PRO A 278 32.36 -7.63 2.26
C PRO A 278 32.04 -7.88 3.71
N GLN A 279 31.66 -6.82 4.43
CA GLN A 279 31.27 -6.92 5.84
C GLN A 279 29.77 -6.69 6.07
N TYR A 280 28.95 -6.96 5.04
CA TYR A 280 27.52 -6.94 5.19
C TYR A 280 27.04 -7.92 6.33
N GLN A 281 26.26 -7.42 7.27
CA GLN A 281 25.63 -8.31 8.24
C GLN A 281 24.13 -8.06 8.20
N PRO A 282 23.34 -9.14 8.26
CA PRO A 282 21.87 -9.05 8.21
C PRO A 282 21.26 -8.09 9.19
N GLY A 283 20.17 -7.47 8.79
CA GLY A 283 19.44 -6.52 9.67
C GLY A 283 17.98 -6.95 9.74
N GLU A 284 17.15 -6.10 10.33
CA GLU A 284 15.74 -6.39 10.50
C GLU A 284 14.94 -6.54 9.23
N ASN A 285 15.15 -5.64 8.26
CA ASN A 285 14.43 -5.67 6.97
C ASN A 285 15.30 -5.82 5.71
N LEU A 286 16.52 -5.30 5.76
CA LEU A 286 17.54 -5.57 4.75
C LEU A 286 18.74 -6.24 5.34
N LYS B 10 -0.79 12.27 42.98
CA LYS B 10 -0.98 13.03 41.70
C LYS B 10 0.29 13.03 40.86
N ASP B 11 0.15 13.10 39.54
CA ASP B 11 1.29 13.31 38.65
C ASP B 11 1.18 14.64 37.90
N ALA B 12 2.19 14.92 37.08
CA ALA B 12 2.25 16.17 36.32
C ALA B 12 1.17 16.42 35.24
N TRP B 13 0.28 15.47 34.97
CA TRP B 13 -0.86 15.69 34.07
C TRP B 13 -1.96 16.46 34.81
N GLU B 14 -2.01 16.31 36.14
CA GLU B 14 -2.99 17.01 36.99
C GLU B 14 -2.96 18.54 36.77
N ILE B 15 -4.15 19.14 36.68
CA ILE B 15 -4.33 20.59 36.61
C ILE B 15 -5.46 21.00 37.60
N PRO B 16 -5.62 22.32 37.85
CA PRO B 16 -6.75 22.81 38.64
C PRO B 16 -7.95 23.17 37.77
N ARG B 17 -9.14 23.05 38.35
CA ARG B 17 -10.43 23.23 37.65
C ARG B 17 -10.57 24.59 37.01
N GLU B 18 -10.10 25.59 37.74
CA GLU B 18 -10.22 27.00 37.39
C GLU B 18 -9.56 27.35 36.05
N SER B 19 -8.59 26.54 35.61
CA SER B 19 -7.94 26.72 34.29
C SER B 19 -8.85 26.46 33.07
N LEU B 20 -9.96 25.76 33.27
CA LEU B 20 -10.91 25.42 32.18
C LEU B 20 -12.12 26.35 32.05
N ARG B 21 -12.46 26.70 30.80
CA ARG B 21 -13.73 27.36 30.43
C ARG B 21 -14.64 26.46 29.53
N LEU B 22 -15.58 25.74 30.15
CA LEU B 22 -16.59 24.93 29.40
C LEU B 22 -17.61 25.82 28.66
N GLU B 23 -17.43 25.98 27.34
CA GLU B 23 -18.28 26.87 26.53
C GLU B 23 -19.59 26.23 26.01
N VAL B 24 -19.45 25.16 25.22
CA VAL B 24 -20.57 24.54 24.45
C VAL B 24 -20.67 23.06 24.78
N LYS B 25 -21.86 22.62 25.19
CA LYS B 25 -22.14 21.19 25.36
C LYS B 25 -22.23 20.56 23.96
N LEU B 26 -21.42 19.53 23.75
CA LEU B 26 -21.35 18.84 22.48
C LEU B 26 -22.16 17.56 22.59
N GLY B 27 -21.94 16.80 23.67
CA GLY B 27 -22.65 15.54 23.86
C GLY B 27 -22.79 15.07 25.28
N GLN B 28 -23.88 14.31 25.50
CA GLN B 28 -24.21 13.69 26.77
C GLN B 28 -24.57 12.23 26.56
N GLY B 29 -23.89 11.34 27.28
CA GLY B 29 -24.17 9.93 27.22
C GLY B 29 -24.04 9.27 28.58
N CYS B 30 -24.17 7.94 28.57
CA CYS B 30 -24.12 7.09 29.77
C CYS B 30 -23.00 7.51 30.71
N PHE B 31 -21.79 7.62 30.16
CA PHE B 31 -20.58 7.99 30.93
C PHE B 31 -20.61 9.39 31.58
N GLY B 32 -21.17 10.39 30.88
CA GLY B 32 -21.11 11.81 31.29
C GLY B 32 -21.27 12.77 30.11
N GLU B 33 -20.54 13.89 30.10
CA GLU B 33 -20.63 14.87 28.99
C GLU B 33 -19.32 15.09 28.19
N VAL B 34 -19.45 15.86 27.12
CA VAL B 34 -18.36 16.25 26.25
C VAL B 34 -18.55 17.72 25.87
N TRP B 35 -17.52 18.53 26.08
CA TRP B 35 -17.59 19.99 25.82
C TRP B 35 -16.51 20.51 24.89
N MET B 36 -16.83 21.50 24.06
CA MET B 36 -15.80 22.35 23.50
C MET B 36 -15.51 23.33 24.63
N GLY B 37 -14.25 23.74 24.73
CA GLY B 37 -13.77 24.63 25.80
C GLY B 37 -12.53 25.41 25.45
N THR B 38 -12.03 26.16 26.43
CA THR B 38 -10.77 26.90 26.34
C THR B 38 -9.90 26.58 27.56
N TRP B 39 -8.58 26.57 27.37
CA TRP B 39 -7.64 26.10 28.42
C TRP B 39 -6.53 27.11 28.60
N ASN B 40 -6.32 27.53 29.86
CA ASN B 40 -5.43 28.65 30.22
C ASN B 40 -5.71 29.87 29.33
N GLY B 41 -7.01 30.13 29.11
CA GLY B 41 -7.53 31.26 28.33
C GLY B 41 -7.28 31.39 26.83
N THR B 42 -6.33 30.62 26.29
CA THR B 42 -5.88 30.76 24.88
C THR B 42 -5.85 29.45 24.04
N THR B 43 -5.98 28.29 24.69
CA THR B 43 -5.88 26.98 24.03
C THR B 43 -7.28 26.36 23.95
N ARG B 44 -7.74 26.05 22.74
CA ARG B 44 -8.95 25.24 22.57
C ARG B 44 -8.74 23.75 22.89
N VAL B 45 -9.65 23.21 23.68
CA VAL B 45 -9.63 21.84 24.10
C VAL B 45 -11.04 21.24 23.99
N ALA B 46 -11.12 19.93 24.27
CA ALA B 46 -12.36 19.19 24.45
C ALA B 46 -12.28 18.66 25.85
N ILE B 47 -13.41 18.65 26.55
CA ILE B 47 -13.40 18.21 27.93
C ILE B 47 -14.43 17.14 28.06
N LYS B 48 -14.07 16.08 28.76
CA LYS B 48 -14.79 14.84 28.67
C LYS B 48 -15.13 14.46 30.09
N THR B 49 -16.23 15.02 30.57
CA THR B 49 -16.60 14.96 32.00
C THR B 49 -17.06 13.54 32.39
N LEU B 50 -17.20 13.28 33.68
CA LEU B 50 -17.81 12.05 34.18
C LEU B 50 -19.29 12.31 34.51
N PHE B 60 -13.06 5.10 34.84
CA PHE B 60 -13.19 6.24 33.93
C PHE B 60 -11.87 6.92 33.54
N LEU B 61 -10.94 7.01 34.49
CA LEU B 61 -9.59 7.52 34.23
C LEU B 61 -8.74 6.58 33.37
N GLN B 62 -9.11 5.29 33.32
CA GLN B 62 -8.45 4.29 32.46
C GLN B 62 -8.11 4.81 31.05
N GLU B 63 -8.98 5.62 30.47
CA GLU B 63 -8.77 6.22 29.14
C GLU B 63 -7.55 7.18 29.12
N ALA B 64 -7.59 8.16 30.01
CA ALA B 64 -6.45 9.05 30.26
C ALA B 64 -5.19 8.32 30.74
N GLN B 65 -5.36 7.30 31.57
CA GLN B 65 -4.26 6.43 32.05
C GLN B 65 -3.42 5.84 30.91
N VAL B 66 -4.10 5.17 29.97
CA VAL B 66 -3.52 4.64 28.73
C VAL B 66 -2.98 5.76 27.83
N MET B 67 -3.73 6.84 27.76
CA MET B 67 -3.45 7.96 26.89
C MET B 67 -2.32 8.93 27.36
N LYS B 68 -1.75 8.68 28.55
CA LYS B 68 -0.53 9.34 29.02
C LYS B 68 0.71 8.75 28.35
N LYS B 69 0.68 7.45 28.07
CA LYS B 69 1.82 6.78 27.39
C LYS B 69 1.82 6.94 25.87
N LEU B 70 0.62 6.95 25.27
CA LEU B 70 0.50 7.04 23.82
C LEU B 70 0.51 8.49 23.32
N ARG B 71 1.39 8.76 22.38
CA ARG B 71 1.45 10.05 21.68
C ARG B 71 1.83 9.86 20.21
N HIS B 72 1.04 10.43 19.32
CA HIS B 72 1.19 10.26 17.87
C HIS B 72 0.20 11.22 17.21
N GLU B 73 0.57 11.78 16.06
CA GLU B 73 -0.25 12.72 15.35
C GLU B 73 -1.66 12.22 14.88
N LYS B 74 -1.84 10.89 14.86
CA LYS B 74 -3.09 10.24 14.39
C LYS B 74 -3.97 9.66 15.50
N LEU B 75 -3.65 10.06 16.73
CA LEU B 75 -4.33 9.68 17.96
C LEU B 75 -4.63 10.96 18.65
N VAL B 76 -5.89 11.17 19.02
CA VAL B 76 -6.33 12.43 19.65
C VAL B 76 -5.49 12.62 20.93
N GLN B 77 -4.83 13.76 21.06
CA GLN B 77 -3.87 13.93 22.18
C GLN B 77 -4.56 14.32 23.54
N LEU B 78 -4.26 13.55 24.59
CA LEU B 78 -4.45 13.96 25.99
C LEU B 78 -3.68 15.23 26.37
N TYR B 79 -4.30 16.10 27.13
CA TYR B 79 -3.67 17.32 27.57
C TYR B 79 -3.50 17.38 29.09
N ALA B 80 -4.57 17.04 29.82
CA ALA B 80 -4.63 17.17 31.28
C ALA B 80 -5.77 16.33 31.88
N VAL B 81 -5.66 16.08 33.18
CA VAL B 81 -6.74 15.48 33.96
C VAL B 81 -7.01 16.26 35.25
N VAL B 82 -8.21 16.04 35.80
CA VAL B 82 -8.66 16.63 37.06
C VAL B 82 -9.24 15.45 37.84
N SER B 83 -8.38 14.74 38.57
CA SER B 83 -8.73 13.40 39.12
C SER B 83 -9.67 13.38 40.33
N GLU B 84 -9.98 14.54 40.89
CA GLU B 84 -10.98 14.64 41.95
C GLU B 84 -12.28 15.18 41.38
N GLU B 85 -13.42 14.67 41.89
CA GLU B 85 -14.77 14.93 41.31
C GLU B 85 -15.26 16.40 41.42
N PRO B 86 -15.93 16.96 40.39
CA PRO B 86 -16.25 16.28 39.10
C PRO B 86 -15.02 16.12 38.18
N ILE B 87 -14.80 14.87 37.76
CA ILE B 87 -13.59 14.47 37.04
C ILE B 87 -13.66 14.93 35.58
N TYR B 88 -12.61 15.58 35.11
CA TYR B 88 -12.48 15.99 33.71
C TYR B 88 -11.27 15.33 33.06
N ILE B 89 -11.41 14.99 31.77
CA ILE B 89 -10.28 14.62 30.93
C ILE B 89 -10.25 15.68 29.86
N VAL B 90 -9.08 16.24 29.60
CA VAL B 90 -8.94 17.36 28.68
C VAL B 90 -8.06 16.93 27.49
N MET B 91 -8.44 17.35 26.29
CA MET B 91 -7.98 16.70 25.09
C MET B 91 -8.01 17.59 23.91
N GLU B 92 -7.17 17.25 22.92
CA GLU B 92 -7.15 17.89 21.60
C GLU B 92 -8.52 17.89 21.01
N TYR B 93 -8.87 19.00 20.37
CA TYR B 93 -10.17 19.25 19.83
C TYR B 93 -10.20 18.97 18.35
N MET B 94 -11.26 18.27 17.95
CA MET B 94 -11.42 17.75 16.60
C MET B 94 -12.76 18.33 16.23
N SER B 95 -12.73 19.21 15.25
CA SER B 95 -13.83 20.11 15.06
C SER B 95 -15.05 19.46 14.39
N LYS B 96 -14.83 18.36 13.67
CA LYS B 96 -15.87 17.83 12.79
C LYS B 96 -16.61 16.71 13.44
N GLY B 97 -16.21 16.31 14.66
CA GLY B 97 -16.86 15.18 15.36
C GLY B 97 -16.57 13.80 14.75
N CYS B 98 -17.35 12.81 15.15
CA CYS B 98 -17.04 11.42 14.84
C CYS B 98 -17.24 11.09 13.40
N LEU B 99 -16.45 10.12 12.96
CA LEU B 99 -16.36 9.81 11.54
C LEU B 99 -17.68 9.22 11.04
N LEU B 100 -18.30 8.42 11.85
CA LEU B 100 -19.61 7.90 11.50
C LEU B 100 -20.62 8.96 11.06
N ASP B 101 -20.86 9.97 11.91
CA ASP B 101 -21.75 11.10 11.54
C ASP B 101 -21.27 11.90 10.32
N PHE B 102 -19.97 12.08 10.18
CA PHE B 102 -19.41 12.74 9.03
C PHE B 102 -19.80 12.02 7.78
N LEU B 103 -19.57 10.71 7.82
CA LEU B 103 -19.81 9.88 6.70
C LEU B 103 -21.28 9.80 6.33
N LYS B 104 -22.17 9.77 7.33
CA LYS B 104 -23.62 9.62 7.14
C LYS B 104 -24.26 10.90 6.68
N GLY B 105 -23.72 12.04 7.16
CA GLY B 105 -24.24 13.39 6.95
C GLY B 105 -23.97 14.06 5.62
N GLU B 106 -24.13 15.38 5.60
CA GLU B 106 -23.94 16.25 4.43
C GLU B 106 -22.55 16.10 3.79
N MET B 107 -21.52 15.95 4.61
CA MET B 107 -20.16 15.77 4.07
C MET B 107 -19.90 14.46 3.29
N GLY B 108 -20.47 13.36 3.71
CA GLY B 108 -20.29 12.10 3.00
C GLY B 108 -20.76 11.96 1.55
N LYS B 109 -21.68 12.83 1.11
CA LYS B 109 -22.25 12.76 -0.26
C LYS B 109 -21.21 13.05 -1.33
N TYR B 110 -20.23 13.88 -0.99
CA TYR B 110 -19.17 14.31 -1.89
C TYR B 110 -17.84 13.53 -1.82
N LEU B 111 -17.60 12.82 -0.70
CA LEU B 111 -16.41 11.98 -0.52
C LEU B 111 -16.39 10.82 -1.50
N ARG B 112 -15.29 10.66 -2.18
CA ARG B 112 -15.14 9.64 -3.16
C ARG B 112 -13.98 8.78 -2.68
N LEU B 113 -13.60 7.81 -3.50
CA LEU B 113 -12.65 6.80 -3.01
C LEU B 113 -11.24 7.30 -2.66
N PRO B 114 -10.68 8.29 -3.41
CA PRO B 114 -9.41 8.79 -2.95
C PRO B 114 -9.47 9.47 -1.64
N GLN B 115 -10.58 10.05 -1.27
CA GLN B 115 -10.55 10.72 0.06
C GLN B 115 -10.67 9.66 1.16
N LEU B 116 -11.47 8.65 0.89
CA LEU B 116 -11.87 7.70 1.88
C LEU B 116 -10.70 6.73 2.19
N VAL B 117 -9.90 6.42 1.19
CA VAL B 117 -8.71 5.62 1.31
C VAL B 117 -7.63 6.40 2.06
N ASP B 118 -7.57 7.71 1.84
CA ASP B 118 -6.63 8.54 2.55
C ASP B 118 -6.99 8.65 4.02
N MET B 119 -8.28 8.83 4.29
CA MET B 119 -8.79 8.67 5.64
C MET B 119 -8.45 7.31 6.29
N ALA B 120 -8.61 6.27 5.54
CA ALA B 120 -8.27 4.94 6.01
C ALA B 120 -6.76 4.78 6.32
N ALA B 121 -5.91 5.34 5.46
CA ALA B 121 -4.49 5.40 5.65
C ALA B 121 -4.07 6.18 6.87
N GLN B 122 -4.78 7.27 7.18
CA GLN B 122 -4.50 8.01 8.40
C GLN B 122 -4.73 7.19 9.61
N ILE B 123 -5.85 6.47 9.64
CA ILE B 123 -6.26 5.76 10.84
C ILE B 123 -5.37 4.48 10.98
N ALA B 124 -4.98 3.88 9.88
CA ALA B 124 -4.00 2.81 9.88
C ALA B 124 -2.71 3.27 10.46
N SER B 125 -2.30 4.50 10.14
CA SER B 125 -1.08 5.09 10.68
C SER B 125 -1.13 5.21 12.22
N GLY B 126 -2.25 5.72 12.74
CA GLY B 126 -2.48 5.72 14.20
C GLY B 126 -2.45 4.32 14.79
N MET B 127 -3.12 3.38 14.12
CA MET B 127 -3.11 2.01 14.58
C MET B 127 -1.74 1.27 14.45
N ALA B 128 -0.93 1.65 13.46
CA ALA B 128 0.42 1.18 13.34
C ALA B 128 1.19 1.64 14.57
N TYR B 129 1.00 2.85 15.02
CA TYR B 129 1.69 3.33 16.22
C TYR B 129 1.34 2.49 17.47
N VAL B 130 0.04 2.33 17.73
CA VAL B 130 -0.50 1.43 18.76
C VAL B 130 0.10 0.02 18.67
N GLU B 131 0.22 -0.48 17.45
CA GLU B 131 0.85 -1.77 17.19
C GLU B 131 2.32 -1.78 17.67
N ARG B 132 3.07 -0.73 17.35
CA ARG B 132 4.50 -0.62 17.71
C ARG B 132 4.71 -0.59 19.23
N MET B 133 3.75 0.02 19.91
CA MET B 133 3.70 0.18 21.36
C MET B 133 3.15 -1.02 22.12
N ASN B 134 2.73 -2.05 21.42
CA ASN B 134 2.14 -3.25 22.04
C ASN B 134 0.89 -2.97 22.86
N TYR B 135 0.07 -2.03 22.38
CA TYR B 135 -1.26 -1.85 22.92
C TYR B 135 -2.34 -2.41 21.98
N VAL B 136 -3.55 -2.53 22.53
CA VAL B 136 -4.72 -3.03 21.84
C VAL B 136 -5.82 -1.98 22.06
N HIS B 137 -6.56 -1.63 21.02
CA HIS B 137 -7.63 -0.65 21.13
C HIS B 137 -8.92 -1.28 21.68
N ARG B 138 -9.34 -2.42 21.08
CA ARG B 138 -10.51 -3.23 21.49
C ARG B 138 -11.88 -2.72 20.98
N ASP B 139 -11.91 -1.53 20.42
CA ASP B 139 -13.17 -0.87 19.98
C ASP B 139 -12.99 0.02 18.77
N LEU B 140 -12.20 -0.48 17.82
CA LEU B 140 -11.96 0.26 16.62
C LEU B 140 -13.20 0.18 15.64
N ARG B 141 -13.74 1.35 15.31
CA ARG B 141 -14.90 1.52 14.45
C ARG B 141 -15.12 3.01 14.12
N ALA B 142 -15.90 3.30 13.10
CA ALA B 142 -16.04 4.72 12.66
C ALA B 142 -16.58 5.68 13.74
N ALA B 143 -17.39 5.18 14.70
CA ALA B 143 -17.91 5.99 15.79
C ALA B 143 -16.79 6.44 16.79
N ASN B 144 -15.63 5.75 16.79
CA ASN B 144 -14.44 6.08 17.63
C ASN B 144 -13.29 6.71 16.87
N ILE B 145 -13.53 7.18 15.65
CA ILE B 145 -12.62 8.07 14.98
C ILE B 145 -13.21 9.47 15.05
N LEU B 146 -12.34 10.46 15.26
CA LEU B 146 -12.72 11.85 15.25
C LEU B 146 -12.03 12.53 14.08
N VAL B 147 -12.73 13.46 13.46
CA VAL B 147 -12.36 14.12 12.25
C VAL B 147 -12.10 15.57 12.60
N GLY B 148 -11.07 16.11 11.97
CA GLY B 148 -10.66 17.49 12.18
C GLY B 148 -10.84 18.21 10.86
N GLU B 149 -10.17 19.33 10.78
CA GLU B 149 -10.15 20.12 9.58
C GLU B 149 -9.27 19.36 8.54
N ASN B 150 -9.57 19.57 7.28
CA ASN B 150 -8.72 19.08 6.16
C ASN B 150 -8.73 17.51 6.06
N LEU B 151 -9.84 16.95 6.54
CA LEU B 151 -10.15 15.53 6.54
C LEU B 151 -9.11 14.73 7.29
N VAL B 152 -8.58 15.31 8.36
CA VAL B 152 -7.66 14.70 9.26
C VAL B 152 -8.51 13.80 10.12
N CYS B 153 -8.14 12.54 10.22
CA CYS B 153 -8.83 11.54 11.04
C CYS B 153 -7.88 11.03 12.10
N LYS B 154 -8.35 10.94 13.34
CA LYS B 154 -7.60 10.42 14.40
C LYS B 154 -8.40 9.49 15.23
N VAL B 155 -7.70 8.49 15.76
CA VAL B 155 -8.25 7.49 16.60
C VAL B 155 -8.53 8.08 17.99
N ALA B 156 -9.74 7.82 18.49
CA ALA B 156 -10.25 8.35 19.77
C ALA B 156 -10.71 7.21 20.64
N ASP B 157 -11.08 7.55 21.87
CA ASP B 157 -11.80 6.66 22.77
C ASP B 157 -11.05 5.38 23.10
N PHE B 158 -9.85 5.58 23.67
CA PHE B 158 -9.07 4.49 24.27
C PHE B 158 -9.54 3.98 25.64
N GLY B 159 -10.81 4.25 26.02
CA GLY B 159 -11.39 3.84 27.31
C GLY B 159 -11.04 2.41 27.72
N LEU B 160 -11.53 1.44 26.97
CA LEU B 160 -11.28 0.03 27.28
C LEU B 160 -9.95 -0.55 26.70
N ALA B 161 -9.11 0.30 26.11
CA ALA B 161 -7.75 -0.07 25.68
C ALA B 161 -6.80 -0.46 26.85
N ARG B 162 -5.79 -1.27 26.55
CA ARG B 162 -4.79 -1.71 27.55
C ARG B 162 -3.52 -2.29 26.85
N LEU B 163 -2.51 -2.65 27.64
CA LEU B 163 -1.19 -3.07 27.11
C LEU B 163 -1.22 -4.43 26.39
N PHE B 177 -18.89 -4.97 23.98
CA PHE B 177 -18.26 -4.87 22.65
C PHE B 177 -19.24 -5.04 21.47
N PRO B 178 -19.32 -4.04 20.57
CA PRO B 178 -20.26 -4.13 19.42
C PRO B 178 -19.88 -5.32 18.51
N ILE B 179 -20.64 -6.41 18.62
CA ILE B 179 -20.23 -7.68 18.03
C ILE B 179 -19.90 -7.59 16.54
N LYS B 180 -20.54 -6.69 15.78
CA LYS B 180 -20.38 -6.63 14.34
C LYS B 180 -19.01 -6.13 13.89
N TRP B 181 -18.32 -5.39 14.76
CA TRP B 181 -16.95 -4.95 14.60
C TRP B 181 -15.82 -5.80 15.20
N THR B 182 -16.17 -6.84 15.96
CA THR B 182 -15.26 -7.50 16.88
C THR B 182 -14.93 -8.85 16.26
N ALA B 183 -13.64 -9.17 16.10
CA ALA B 183 -13.24 -10.49 15.65
C ALA B 183 -13.85 -11.60 16.51
N PRO B 184 -14.33 -12.70 15.89
CA PRO B 184 -14.86 -13.91 16.59
C PRO B 184 -14.07 -14.35 17.82
N GLU B 185 -12.78 -14.53 17.67
CA GLU B 185 -11.99 -15.00 18.81
C GLU B 185 -12.05 -14.05 20.00
N ALA B 186 -12.39 -12.80 19.75
CA ALA B 186 -12.46 -11.77 20.79
C ALA B 186 -13.88 -11.70 21.33
N ALA B 187 -14.90 -11.68 20.47
CA ALA B 187 -16.27 -11.77 20.92
C ALA B 187 -16.54 -13.07 21.73
N LEU B 188 -16.01 -14.19 21.24
CA LEU B 188 -16.27 -15.52 21.87
C LEU B 188 -15.40 -15.88 23.11
N TYR B 189 -14.09 -15.86 22.96
CA TYR B 189 -13.09 -16.27 24.02
C TYR B 189 -12.26 -15.13 24.68
N GLY B 190 -12.78 -13.90 24.55
CA GLY B 190 -12.11 -12.69 25.07
C GLY B 190 -10.68 -12.49 24.63
N ARG B 191 -10.29 -13.08 23.50
CA ARG B 191 -8.92 -12.96 22.98
C ARG B 191 -8.72 -11.68 22.10
N PHE B 192 -8.51 -10.56 22.80
CA PHE B 192 -8.20 -9.29 22.19
C PHE B 192 -6.72 -9.10 21.94
N THR B 193 -6.36 -8.80 20.70
CA THR B 193 -5.01 -8.50 20.32
C THR B 193 -5.02 -7.39 19.25
N ILE B 194 -3.81 -6.99 18.86
CA ILE B 194 -3.69 -6.09 17.78
C ILE B 194 -4.36 -6.71 16.54
N LYS B 195 -4.38 -8.05 16.44
CA LYS B 195 -5.01 -8.75 15.30
C LYS B 195 -6.51 -8.75 15.30
N SER B 196 -7.14 -8.68 16.48
CA SER B 196 -8.53 -8.43 16.57
C SER B 196 -8.83 -6.92 16.19
N ASP B 197 -7.90 -6.01 16.47
CA ASP B 197 -8.05 -4.64 15.96
C ASP B 197 -7.97 -4.57 14.40
N VAL B 198 -7.18 -5.44 13.78
CA VAL B 198 -7.09 -5.55 12.33
C VAL B 198 -8.40 -6.01 11.74
N TRP B 199 -9.04 -6.97 12.40
CA TRP B 199 -10.40 -7.34 12.04
C TRP B 199 -11.33 -6.12 12.00
N SER B 200 -11.29 -5.30 13.05
CA SER B 200 -12.26 -4.20 13.19
C SER B 200 -12.01 -3.13 12.07
N PHE B 201 -10.74 -2.93 11.80
CA PHE B 201 -10.24 -2.18 10.69
C PHE B 201 -10.90 -2.59 9.35
N GLY B 202 -10.95 -3.85 9.02
CA GLY B 202 -11.63 -4.21 7.80
C GLY B 202 -13.14 -3.88 7.78
N ILE B 203 -13.85 -4.06 8.91
CA ILE B 203 -15.22 -3.62 9.06
C ILE B 203 -15.35 -2.08 8.83
N LEU B 204 -14.45 -1.34 9.48
CA LEU B 204 -14.38 0.11 9.30
C LEU B 204 -14.22 0.47 7.83
N LEU B 205 -13.38 -0.28 7.10
CA LEU B 205 -13.24 -0.10 5.67
C LEU B 205 -14.60 -0.21 4.94
N THR B 206 -15.50 -1.04 5.41
CA THR B 206 -16.86 -1.16 4.78
C THR B 206 -17.68 0.07 5.12
N GLU B 207 -17.55 0.57 6.37
CA GLU B 207 -18.28 1.79 6.87
C GLU B 207 -17.88 2.95 5.97
N LEU B 208 -16.59 3.11 5.73
CA LEU B 208 -16.02 4.10 4.82
C LEU B 208 -16.46 3.96 3.37
N THR B 209 -16.49 2.75 2.85
CA THR B 209 -16.95 2.59 1.47
C THR B 209 -18.48 2.58 1.23
N THR B 210 -19.31 2.51 2.28
CA THR B 210 -20.77 2.57 2.15
C THR B 210 -21.28 3.83 2.78
N LYS B 211 -20.40 4.78 3.06
CA LYS B 211 -20.78 6.02 3.72
CA LYS B 211 -20.75 6.02 3.73
C LYS B 211 -21.40 5.75 5.10
N GLY B 212 -20.83 4.84 5.84
CA GLY B 212 -21.26 4.63 7.22
C GLY B 212 -22.49 3.82 7.52
N ARG B 213 -22.89 2.97 6.59
CA ARG B 213 -23.92 2.01 6.87
C ARG B 213 -23.43 1.03 7.95
N VAL B 214 -24.38 0.56 8.72
CA VAL B 214 -24.16 -0.64 9.58
C VAL B 214 -23.72 -1.85 8.78
N PRO B 215 -22.59 -2.48 9.16
CA PRO B 215 -22.21 -3.77 8.54
C PRO B 215 -23.20 -4.91 8.71
N TYR B 216 -23.12 -5.93 7.86
CA TYR B 216 -24.07 -7.04 7.87
C TYR B 216 -25.51 -6.55 7.82
N PRO B 217 -25.83 -5.73 6.81
CA PRO B 217 -27.21 -5.16 6.72
C PRO B 217 -28.29 -6.23 6.85
N GLY B 218 -29.28 -5.95 7.70
CA GLY B 218 -30.42 -6.84 7.93
C GLY B 218 -30.15 -8.08 8.76
N MET B 219 -28.90 -8.34 9.13
CA MET B 219 -28.53 -9.41 10.03
C MET B 219 -28.44 -8.89 11.47
N VAL B 220 -29.08 -9.59 12.37
CA VAL B 220 -28.94 -9.32 13.79
C VAL B 220 -27.64 -9.93 14.33
N ASN B 221 -27.26 -9.51 15.53
CA ASN B 221 -26.03 -9.92 16.19
C ASN B 221 -25.77 -11.40 16.30
N ARG B 222 -26.75 -12.17 16.76
CA ARG B 222 -26.64 -13.63 16.87
C ARG B 222 -26.40 -14.28 15.51
N GLU B 223 -27.02 -13.71 14.47
CA GLU B 223 -26.96 -14.25 13.11
C GLU B 223 -25.58 -13.92 12.48
N VAL B 224 -25.05 -12.73 12.80
CA VAL B 224 -23.66 -12.35 12.40
C VAL B 224 -22.64 -13.33 12.95
N LEU B 225 -22.86 -13.75 14.21
CA LEU B 225 -21.97 -14.70 14.91
C LEU B 225 -21.96 -16.07 14.28
N ASP B 226 -23.14 -16.69 14.17
CA ASP B 226 -23.28 -18.02 13.54
C ASP B 226 -22.73 -18.03 12.11
N GLN B 227 -23.01 -16.98 11.34
CA GLN B 227 -22.60 -16.91 9.96
C GLN B 227 -21.09 -16.70 9.75
N VAL B 228 -20.51 -15.81 10.54
CA VAL B 228 -19.08 -15.52 10.47
C VAL B 228 -18.26 -16.72 10.91
N GLU B 229 -18.83 -17.49 11.83
CA GLU B 229 -18.26 -18.79 12.23
C GLU B 229 -18.28 -19.80 11.08
N ARG B 230 -19.39 -19.88 10.40
CA ARG B 230 -19.50 -20.64 9.18
C ARG B 230 -18.76 -20.09 7.92
N GLY B 231 -18.00 -18.99 8.03
CA GLY B 231 -17.13 -18.55 6.93
C GLY B 231 -17.68 -17.40 6.08
N TYR B 232 -18.89 -16.94 6.41
CA TYR B 232 -19.51 -15.81 5.77
C TYR B 232 -18.71 -14.49 5.96
N ARG B 233 -18.57 -13.74 4.87
CA ARG B 233 -17.89 -12.50 4.90
C ARG B 233 -18.69 -11.56 4.06
N MET B 234 -18.77 -10.29 4.49
CA MET B 234 -19.45 -9.25 3.67
C MET B 234 -18.90 -9.18 2.25
N PRO B 235 -19.80 -9.09 1.26
CA PRO B 235 -19.36 -8.95 -0.16
C PRO B 235 -18.75 -7.61 -0.51
N CYS B 236 -18.23 -7.52 -1.74
CA CYS B 236 -17.74 -6.28 -2.27
C CYS B 236 -18.89 -5.29 -2.21
N PRO B 237 -18.71 -4.18 -1.51
CA PRO B 237 -19.70 -3.07 -1.64
C PRO B 237 -19.84 -2.46 -3.08
N PRO B 238 -21.04 -1.94 -3.43
CA PRO B 238 -21.12 -1.36 -4.79
C PRO B 238 -20.02 -0.30 -5.11
N GLU B 239 -19.39 -0.41 -6.25
CA GLU B 239 -18.37 0.52 -6.75
C GLU B 239 -17.03 0.46 -6.03
N CYS B 240 -16.90 -0.35 -4.99
CA CYS B 240 -15.65 -0.50 -4.28
C CYS B 240 -14.81 -1.44 -5.13
N PRO B 241 -13.52 -1.10 -5.42
CA PRO B 241 -12.80 -2.09 -6.22
C PRO B 241 -12.57 -3.39 -5.46
N GLU B 242 -12.41 -4.44 -6.24
CA GLU B 242 -12.10 -5.73 -5.70
C GLU B 242 -10.75 -5.80 -4.93
N SER B 243 -9.77 -5.03 -5.33
CA SER B 243 -8.52 -4.99 -4.60
C SER B 243 -8.69 -4.46 -3.19
N LEU B 244 -9.65 -3.55 -2.92
CA LEU B 244 -9.89 -3.07 -1.54
C LEU B 244 -10.67 -4.08 -0.73
N HIS B 245 -11.63 -4.72 -1.39
CA HIS B 245 -12.40 -5.79 -0.81
C HIS B 245 -11.55 -7.00 -0.40
N ASP B 246 -10.56 -7.34 -1.24
CA ASP B 246 -9.58 -8.33 -0.91
CA ASP B 246 -9.54 -8.35 -0.91
C ASP B 246 -8.79 -7.94 0.36
N LEU B 247 -8.50 -6.65 0.54
CA LEU B 247 -7.77 -6.25 1.76
C LEU B 247 -8.67 -6.44 2.97
N MET B 248 -9.95 -6.01 2.87
CA MET B 248 -10.94 -6.29 3.86
C MET B 248 -10.88 -7.80 4.29
N CYS B 249 -10.95 -8.69 3.30
CA CYS B 249 -10.97 -10.11 3.48
C CYS B 249 -9.67 -10.65 4.10
N GLN B 250 -8.55 -10.06 3.80
CA GLN B 250 -7.33 -10.38 4.54
C GLN B 250 -7.47 -10.08 6.04
N CYS B 251 -8.14 -8.96 6.35
CA CYS B 251 -8.39 -8.49 7.70
C CYS B 251 -9.34 -9.40 8.41
N TRP B 252 -10.17 -10.12 7.64
CA TRP B 252 -11.15 -11.04 8.18
C TRP B 252 -10.79 -12.55 8.14
N ARG B 253 -9.54 -12.89 7.89
CA ARG B 253 -9.10 -14.29 7.96
C ARG B 253 -9.40 -14.90 9.32
N LYS B 254 -9.94 -16.12 9.33
CA LYS B 254 -10.18 -16.89 10.60
C LYS B 254 -9.00 -16.91 11.54
N ASP B 255 -7.82 -17.17 10.99
CA ASP B 255 -6.60 -17.27 11.78
CA ASP B 255 -6.59 -17.28 11.76
C ASP B 255 -6.00 -15.88 12.06
N PRO B 256 -6.13 -15.42 13.31
CA PRO B 256 -5.62 -14.06 13.65
C PRO B 256 -4.23 -13.70 13.09
N GLU B 257 -3.32 -14.67 13.10
CA GLU B 257 -1.91 -14.47 12.67
C GLU B 257 -1.80 -14.41 11.15
N GLU B 258 -2.78 -14.92 10.43
CA GLU B 258 -2.83 -14.79 8.97
C GLU B 258 -3.12 -13.30 8.51
N ARG B 259 -3.84 -12.54 9.35
CA ARG B 259 -4.16 -11.10 9.13
C ARG B 259 -2.93 -10.21 9.00
N PRO B 260 -3.02 -9.19 8.12
CA PRO B 260 -1.89 -8.29 7.95
C PRO B 260 -1.65 -7.38 9.17
N THR B 261 -0.50 -6.78 9.25
CA THR B 261 -0.27 -5.74 10.23
C THR B 261 -0.85 -4.38 9.70
N PHE B 262 -0.94 -3.50 10.67
CA PHE B 262 -1.12 -2.12 10.49
C PHE B 262 0.01 -1.44 9.73
N GLU B 263 1.27 -1.78 9.97
CA GLU B 263 2.38 -1.31 9.12
C GLU B 263 2.10 -1.67 7.66
N TYR B 264 1.67 -2.90 7.42
CA TYR B 264 1.29 -3.32 6.06
C TYR B 264 0.05 -2.53 5.52
N LEU B 265 -1.01 -2.47 6.30
CA LEU B 265 -2.24 -1.74 5.94
C LEU B 265 -2.03 -0.26 5.62
N GLN B 266 -1.19 0.39 6.37
CA GLN B 266 -0.90 1.76 6.18
C GLN B 266 -0.25 2.03 4.80
N ALA B 267 0.77 1.25 4.46
CA ALA B 267 1.61 1.39 3.27
C ALA B 267 0.83 0.96 2.02
N PHE B 268 -0.09 0.01 2.17
CA PHE B 268 -0.89 -0.42 1.04
C PHE B 268 -1.87 0.73 0.65
N LEU B 269 -2.42 1.42 1.67
CA LEU B 269 -3.44 2.41 1.51
C LEU B 269 -2.88 3.69 1.02
N GLU B 270 -1.74 4.11 1.62
CA GLU B 270 -0.96 5.24 1.18
C GLU B 270 -0.56 5.20 -0.29
N ASP B 271 -0.08 4.03 -0.74
CA ASP B 271 0.41 3.82 -2.12
C ASP B 271 -0.69 3.32 -3.09
N TYR B 272 -1.93 3.27 -2.66
CA TYR B 272 -2.97 2.52 -3.35
C TYR B 272 -3.24 2.84 -4.80
N PHE B 273 -3.35 4.15 -5.05
CA PHE B 273 -3.68 4.72 -6.37
C PHE B 273 -2.50 4.72 -7.38
N THR B 274 -1.29 4.48 -6.89
CA THR B 274 -0.11 4.14 -7.74
C THR B 274 0.13 2.61 -7.91
N SER B 275 0.26 1.90 -6.79
CA SER B 275 0.71 0.51 -6.82
C SER B 275 -0.38 -0.50 -7.12
N THR B 276 -1.64 -0.20 -6.75
CA THR B 276 -2.75 -1.21 -6.76
C THR B 276 -3.86 -0.85 -7.71
N GLU B 277 -4.22 0.44 -7.85
CA GLU B 277 -5.37 0.82 -8.67
C GLU B 277 -4.99 2.06 -9.48
N PRO B 278 -3.93 1.93 -10.29
CA PRO B 278 -3.48 3.06 -11.08
C PRO B 278 -4.43 3.54 -12.22
N GLN B 279 -5.46 2.76 -12.56
CA GLN B 279 -6.47 3.12 -13.54
C GLN B 279 -7.84 3.50 -12.89
N TYR B 280 -7.85 3.74 -11.58
CA TYR B 280 -9.04 4.20 -10.91
C TYR B 280 -9.70 5.36 -11.69
N GLN B 281 -11.01 5.27 -11.96
CA GLN B 281 -11.80 6.41 -12.49
C GLN B 281 -13.00 6.70 -11.60
N PRO B 282 -13.37 8.01 -11.42
CA PRO B 282 -14.45 8.30 -10.47
C PRO B 282 -15.80 7.80 -10.92
N GLY B 283 -16.61 7.41 -9.94
CA GLY B 283 -17.89 6.73 -10.19
C GLY B 283 -18.94 7.65 -9.62
N GLU B 284 -20.19 7.18 -9.59
CA GLU B 284 -21.25 8.00 -9.06
C GLU B 284 -21.17 8.22 -7.54
N ASN B 285 -20.80 7.18 -6.80
CA ASN B 285 -20.67 7.23 -5.33
C ASN B 285 -19.23 7.01 -4.80
N LEU B 286 -18.46 6.19 -5.50
CA LEU B 286 -17.04 6.02 -5.17
C LEU B 286 -16.13 6.35 -6.37
#